data_9PFY
#
_entry.id   9PFY
#
_cell.length_a   69.815
_cell.length_b   69.815
_cell.length_c   315.861
_cell.angle_alpha   90.00
_cell.angle_beta   90.00
_cell.angle_gamma   120.00
#
_symmetry.space_group_name_H-M   'P 65 2 2'
#
loop_
_entity.id
_entity.type
_entity.pdbx_description
1 polymer 'nucleoside-diphosphate kinase'
2 non-polymer "ADENOSINE-5'-TRIPHOSPHATE"
3 non-polymer 'MAGNESIUM ION'
4 water water
#
_entity_poly.entity_id   1
_entity_poly.type   'polypeptide(L)'
_entity_poly.pdbx_seq_one_letter_code
;MAHHHHHHVEQTYLMIKPDGIQRQVVGEIISRFEKRGYRIAAMKLTIATPAILEEHYAEHKGKPFLPGLIEKMTGPVLCM
VFEGVDVIAQARKMMGSTRPGEAAPGTIRADFCQQAGRNLI(HIP)GSDSAESAKREISLWFKPEEIQSYKLALSDYIFE
;
_entity_poly.pdbx_strand_id   A,B,C
#
loop_
_chem_comp.id
_chem_comp.type
_chem_comp.name
_chem_comp.formula
ATP non-polymer ADENOSINE-5'-TRIPHOSPHATE 'C10 H16 N5 O13 P3'
MG non-polymer 'MAGNESIUM ION' 'Mg 2'
#
# COMPACT_ATOMS: atom_id res chain seq x y z
N HIS A 8 18.67 -19.43 -2.97
CA HIS A 8 19.72 -18.76 -2.21
C HIS A 8 19.28 -17.38 -1.75
N VAL A 9 19.70 -16.97 -0.57
CA VAL A 9 19.46 -15.59 -0.14
C VAL A 9 20.66 -14.73 -0.53
N GLU A 10 20.43 -13.43 -0.57
CA GLU A 10 21.51 -12.46 -0.72
C GLU A 10 21.31 -11.36 0.32
N GLN A 11 22.28 -10.44 0.39
CA GLN A 11 22.27 -9.31 1.30
C GLN A 11 22.39 -8.01 0.53
N THR A 12 21.62 -7.02 0.95
CA THR A 12 21.67 -5.68 0.37
C THR A 12 21.95 -4.66 1.46
N TYR A 13 22.57 -3.54 1.03
CA TYR A 13 22.81 -2.40 1.90
C TYR A 13 21.66 -1.40 1.75
N LEU A 14 21.01 -1.08 2.86
CA LEU A 14 19.94 -0.09 2.90
C LEU A 14 20.32 0.93 3.95
N MET A 15 20.15 2.20 3.63
CA MET A 15 20.54 3.28 4.52
C MET A 15 19.41 4.29 4.64
N ILE A 16 18.95 4.53 5.87
CA ILE A 16 17.95 5.57 6.10
C ILE A 16 18.70 6.90 6.13
N LYS A 17 18.29 7.81 5.27
CA LYS A 17 18.93 9.10 5.09
C LYS A 17 18.50 10.05 6.20
N PRO A 18 19.14 11.22 6.31
CA PRO A 18 18.83 12.11 7.45
C PRO A 18 17.38 12.52 7.52
N ASP A 19 16.69 12.63 6.38
CA ASP A 19 15.26 12.93 6.43
C ASP A 19 14.45 11.81 7.09
N GLY A 20 14.85 10.55 6.91
CA GLY A 20 14.15 9.48 7.59
C GLY A 20 14.36 9.53 9.09
N ILE A 21 15.57 9.89 9.51
CA ILE A 21 15.85 10.03 10.95
C ILE A 21 15.05 11.19 11.53
N GLN A 22 15.12 12.35 10.85
CA GLN A 22 14.55 13.58 11.38
C GLN A 22 13.02 13.58 11.37
N ARG A 23 12.41 12.93 10.38
CA ARG A 23 10.96 12.77 10.35
C ARG A 23 10.48 11.64 11.26
N GLN A 24 11.42 10.93 11.88
CA GLN A 24 11.15 9.92 12.90
C GLN A 24 10.25 8.81 12.37
N VAL A 25 10.65 8.27 11.21
CA VAL A 25 9.97 7.15 10.57
C VAL A 25 10.88 5.92 10.47
N VAL A 26 11.93 5.86 11.29
CA VAL A 26 12.87 4.74 11.24
C VAL A 26 12.16 3.42 11.48
N GLY A 27 11.37 3.34 12.56
CA GLY A 27 10.70 2.10 12.86
C GLY A 27 9.76 1.65 11.77
N GLU A 28 9.03 2.60 11.17
CA GLU A 28 8.12 2.24 10.08
C GLU A 28 8.87 1.66 8.89
N ILE A 29 10.02 2.24 8.57
CA ILE A 29 10.82 1.73 7.46
C ILE A 29 11.29 0.31 7.76
N ILE A 30 11.85 0.10 8.95
CA ILE A 30 12.32 -1.22 9.33
C ILE A 30 11.19 -2.24 9.25
N SER A 31 10.01 -1.87 9.77
CA SER A 31 8.87 -2.78 9.77
C SER A 31 8.50 -3.23 8.37
N ARG A 32 8.64 -2.37 7.35
CA ARG A 32 8.30 -2.79 5.99
C ARG A 32 9.18 -3.95 5.51
N PHE A 33 10.44 -3.95 5.88
CA PHE A 33 11.35 -5.01 5.46
C PHE A 33 11.16 -6.25 6.32
N GLU A 34 10.98 -6.07 7.64
CA GLU A 34 10.69 -7.22 8.50
C GLU A 34 9.43 -7.94 8.07
N LYS A 35 8.45 -7.20 7.54
CA LYS A 35 7.15 -7.77 7.20
C LYS A 35 7.26 -8.86 6.16
N ARG A 36 8.28 -8.82 5.31
CA ARG A 36 8.51 -9.85 4.29
C ARG A 36 9.36 -11.00 4.80
N GLY A 37 9.72 -10.99 6.08
CA GLY A 37 10.63 -11.98 6.58
C GLY A 37 12.07 -11.77 6.19
N TYR A 38 12.42 -10.54 5.82
CA TYR A 38 13.82 -10.21 5.61
C TYR A 38 14.50 -10.12 6.97
N ARG A 39 15.72 -10.61 7.04
CA ARG A 39 16.48 -10.70 8.28
C ARG A 39 17.44 -9.52 8.40
N ILE A 40 17.44 -8.88 9.56
CA ILE A 40 18.39 -7.83 9.87
C ILE A 40 19.72 -8.52 10.16
N ALA A 41 20.68 -8.32 9.27
CA ALA A 41 22.04 -8.86 9.45
C ALA A 41 23.00 -7.83 10.01
N ALA A 42 22.69 -6.54 9.92
CA ALA A 42 23.57 -5.52 10.47
C ALA A 42 22.75 -4.25 10.60
N MET A 43 23.10 -3.43 11.60
CA MET A 43 22.40 -2.18 11.82
C MET A 43 23.29 -1.29 12.67
N LYS A 44 23.43 -0.02 12.26
CA LYS A 44 24.30 0.92 12.95
C LYS A 44 23.84 2.35 12.69
N LEU A 45 23.61 3.11 13.74
CA LEU A 45 23.44 4.56 13.60
C LEU A 45 24.79 5.24 13.59
N THR A 46 25.00 6.10 12.60
CA THR A 46 26.20 6.92 12.56
C THR A 46 25.82 8.28 12.02
N ILE A 47 26.79 9.19 11.96
CA ILE A 47 26.62 10.45 11.25
C ILE A 47 27.50 10.41 10.03
N ALA A 48 26.89 10.49 8.85
CA ALA A 48 27.62 10.41 7.59
C ALA A 48 28.43 11.69 7.40
N THR A 49 29.66 11.54 6.90
CA THR A 49 30.56 12.66 6.70
C THR A 49 30.93 12.73 5.22
N PRO A 50 31.44 13.89 4.76
CA PRO A 50 31.75 14.00 3.33
C PRO A 50 32.70 12.95 2.82
N ALA A 51 33.72 12.57 3.61
CA ALA A 51 34.70 11.63 3.09
C ALA A 51 34.10 10.26 2.81
N ILE A 52 33.26 9.75 3.72
CA ILE A 52 32.64 8.45 3.48
C ILE A 52 31.59 8.55 2.38
N LEU A 53 30.86 9.68 2.33
CA LEU A 53 29.83 9.85 1.30
C LEU A 53 30.44 9.96 -0.10
N GLU A 54 31.64 10.53 -0.22
CA GLU A 54 32.31 10.57 -1.52
C GLU A 54 32.59 9.16 -2.03
N GLU A 55 32.99 8.26 -1.13
CA GLU A 55 33.19 6.86 -1.52
C GLU A 55 31.84 6.19 -1.81
N HIS A 56 30.85 6.44 -0.96
CA HIS A 56 29.54 5.83 -1.17
C HIS A 56 28.99 6.18 -2.54
N TYR A 57 29.13 7.44 -2.93
CA TYR A 57 28.64 7.98 -4.19
C TYR A 57 29.72 8.10 -5.25
N ALA A 58 30.69 7.20 -5.22
CA ALA A 58 31.83 7.31 -6.14
C ALA A 58 31.40 7.28 -7.59
N GLU A 59 30.31 6.58 -7.93
CA GLU A 59 29.92 6.52 -9.33
C GLU A 59 29.50 7.87 -9.87
N HIS A 60 29.21 8.83 -8.99
CA HIS A 60 28.84 10.17 -9.39
C HIS A 60 30.00 11.16 -9.33
N LYS A 61 31.23 10.68 -9.18
CA LYS A 61 32.37 11.57 -9.05
C LYS A 61 32.45 12.50 -10.25
N GLY A 62 32.73 13.78 -9.97
CA GLY A 62 32.93 14.78 -11.00
C GLY A 62 31.65 15.37 -11.56
N LYS A 63 30.48 14.87 -11.16
CA LYS A 63 29.22 15.34 -11.71
C LYS A 63 28.74 16.59 -10.97
N PRO A 64 28.02 17.47 -11.66
CA PRO A 64 27.66 18.77 -11.06
C PRO A 64 26.78 18.69 -9.82
N PHE A 65 25.93 17.66 -9.69
CA PHE A 65 25.00 17.60 -8.57
C PHE A 65 25.60 16.95 -7.33
N LEU A 66 26.78 16.36 -7.44
CA LEU A 66 27.33 15.63 -6.30
C LEU A 66 27.50 16.50 -5.07
N PRO A 67 28.03 17.73 -5.15
CA PRO A 67 28.21 18.51 -3.92
C PRO A 67 26.93 18.70 -3.12
N GLY A 68 25.80 18.99 -3.77
CA GLY A 68 24.56 19.16 -3.02
C GLY A 68 24.03 17.86 -2.46
N LEU A 69 24.26 16.75 -3.17
CA LEU A 69 23.90 15.46 -2.62
C LEU A 69 24.68 15.18 -1.33
N ILE A 70 25.98 15.46 -1.35
CA ILE A 70 26.79 15.20 -0.16
CA ILE A 70 26.80 15.22 -0.16
C ILE A 70 26.31 16.07 1.01
N GLU A 71 25.95 17.32 0.73
CA GLU A 71 25.46 18.20 1.80
C GLU A 71 24.18 17.66 2.41
N LYS A 72 23.22 17.25 1.56
CA LYS A 72 21.95 16.74 2.06
C LYS A 72 22.16 15.49 2.90
N MET A 73 23.17 14.69 2.56
CA MET A 73 23.40 13.42 3.22
C MET A 73 24.30 13.54 4.43
N THR A 74 24.87 14.72 4.70
CA THR A 74 25.72 14.91 5.87
C THR A 74 24.79 15.11 7.06
N GLY A 75 24.68 14.08 7.88
CA GLY A 75 23.73 14.05 8.96
C GLY A 75 23.61 12.64 9.48
N PRO A 76 22.77 12.43 10.49
CA PRO A 76 22.55 11.07 11.00
C PRO A 76 21.96 10.16 9.92
N VAL A 77 22.46 8.92 9.88
CA VAL A 77 21.94 7.89 9.00
C VAL A 77 21.87 6.57 9.77
N LEU A 78 20.95 5.70 9.37
CA LEU A 78 20.92 4.33 9.86
C LEU A 78 21.41 3.39 8.77
N CYS A 79 22.58 2.82 8.97
CA CYS A 79 23.15 1.80 8.09
C CYS A 79 22.50 0.46 8.40
N MET A 80 22.11 -0.27 7.36
CA MET A 80 21.42 -1.53 7.55
C MET A 80 21.85 -2.54 6.49
N VAL A 81 21.88 -3.81 6.89
CA VAL A 81 21.97 -4.92 5.95
C VAL A 81 20.76 -5.83 6.17
N PHE A 82 20.02 -6.09 5.11
CA PHE A 82 18.91 -7.03 5.13
C PHE A 82 19.20 -8.20 4.21
N GLU A 83 18.77 -9.39 4.64
CA GLU A 83 18.98 -10.63 3.91
C GLU A 83 17.64 -11.24 3.50
N GLY A 84 17.57 -11.71 2.25
CA GLY A 84 16.39 -12.43 1.80
C GLY A 84 16.59 -12.87 0.36
N VAL A 85 15.59 -13.60 -0.15
CA VAL A 85 15.61 -14.02 -1.55
C VAL A 85 15.48 -12.79 -2.44
N ASP A 86 16.44 -12.62 -3.36
CA ASP A 86 16.34 -11.55 -4.34
C ASP A 86 16.22 -10.18 -3.67
N VAL A 87 16.77 -10.05 -2.46
CA VAL A 87 16.49 -8.86 -1.66
C VAL A 87 17.03 -7.59 -2.29
N ILE A 88 18.11 -7.67 -3.07
CA ILE A 88 18.65 -6.45 -3.68
C ILE A 88 17.61 -5.82 -4.61
N ALA A 89 17.14 -6.59 -5.59
CA ALA A 89 16.12 -6.07 -6.50
C ALA A 89 14.80 -5.78 -5.79
N GLN A 90 14.41 -6.64 -4.85
CA GLN A 90 13.12 -6.45 -4.19
C GLN A 90 13.13 -5.20 -3.33
N ALA A 91 14.22 -4.93 -2.61
CA ALA A 91 14.27 -3.71 -1.82
C ALA A 91 14.19 -2.48 -2.71
N ARG A 92 14.84 -2.51 -3.89
CA ARG A 92 14.68 -1.39 -4.81
C ARG A 92 13.22 -1.21 -5.23
N LYS A 93 12.53 -2.31 -5.49
CA LYS A 93 11.12 -2.22 -5.85
C LYS A 93 10.29 -1.64 -4.72
N MET A 94 10.59 -2.03 -3.47
CA MET A 94 9.87 -1.52 -2.31
C MET A 94 10.14 -0.03 -2.08
N MET A 95 11.36 0.43 -2.36
CA MET A 95 11.68 1.84 -2.18
CA MET A 95 11.69 1.84 -2.19
C MET A 95 10.93 2.69 -3.20
N GLY A 96 10.82 2.20 -4.44
CA GLY A 96 10.22 2.96 -5.52
C GLY A 96 11.22 3.84 -6.23
N SER A 97 10.72 4.46 -7.31
CA SER A 97 11.52 5.33 -8.17
C SER A 97 12.23 6.41 -7.38
N THR A 98 13.40 6.83 -7.90
CA THR A 98 14.17 7.90 -7.28
C THR A 98 13.31 9.13 -7.01
N ARG A 99 12.51 9.52 -7.99
CA ARG A 99 11.56 10.60 -7.81
C ARG A 99 10.29 10.08 -7.14
N PRO A 100 9.97 10.53 -5.92
CA PRO A 100 8.75 10.05 -5.26
C PRO A 100 7.50 10.26 -6.09
N GLY A 101 7.45 11.32 -6.90
CA GLY A 101 6.29 11.57 -7.73
C GLY A 101 6.08 10.57 -8.83
N GLU A 102 7.13 9.84 -9.21
CA GLU A 102 7.02 8.76 -10.19
C GLU A 102 6.90 7.38 -9.56
N ALA A 103 7.09 7.28 -8.25
CA ALA A 103 7.12 5.99 -7.59
C ALA A 103 5.71 5.42 -7.44
N ALA A 104 5.63 4.09 -7.41
CA ALA A 104 4.34 3.43 -7.39
C ALA A 104 3.68 3.55 -6.02
N PRO A 105 2.36 3.69 -5.97
CA PRO A 105 1.70 3.67 -4.67
C PRO A 105 2.05 2.40 -3.92
N GLY A 106 2.25 2.53 -2.61
CA GLY A 106 2.65 1.41 -1.80
C GLY A 106 4.15 1.29 -1.61
N THR A 107 4.94 2.05 -2.36
CA THR A 107 6.38 2.09 -2.15
C THR A 107 6.72 3.13 -1.08
N ILE A 108 7.91 3.00 -0.51
CA ILE A 108 8.35 3.92 0.55
C ILE A 108 8.37 5.35 0.04
N ARG A 109 8.99 5.58 -1.12
CA ARG A 109 9.14 6.95 -1.59
C ARG A 109 7.80 7.58 -1.95
N ALA A 110 6.89 6.81 -2.58
CA ALA A 110 5.57 7.36 -2.88
C ALA A 110 4.77 7.63 -1.61
N ASP A 111 4.91 6.78 -0.59
CA ASP A 111 4.07 6.91 0.59
C ASP A 111 4.54 8.03 1.53
N PHE A 112 5.83 8.37 1.50
CA PHE A 112 6.41 9.29 2.48
C PHE A 112 6.95 10.60 1.90
N CYS A 113 7.23 10.69 0.59
CA CYS A 113 8.11 11.74 0.09
C CYS A 113 7.50 12.51 -1.07
N GLN A 114 8.14 13.62 -1.41
CA GLN A 114 7.74 14.50 -2.52
C GLN A 114 8.81 14.66 -3.59
N GLN A 115 10.08 14.78 -3.21
CA GLN A 115 11.13 15.13 -4.16
C GLN A 115 12.35 14.23 -4.06
N ALA A 116 13.06 14.10 -5.18
CA ALA A 116 14.19 13.16 -5.26
C ALA A 116 15.28 13.49 -4.25
N GLY A 117 15.49 14.78 -3.97
CA GLY A 117 16.55 15.15 -3.06
C GLY A 117 16.25 14.85 -1.61
N ARG A 118 15.00 14.52 -1.29
CA ARG A 118 14.62 14.07 0.06
C ARG A 118 13.75 12.82 -0.10
N ASN A 119 14.40 11.70 -0.39
CA ASN A 119 13.67 10.48 -0.71
C ASN A 119 13.97 9.34 0.25
N LEU A 120 14.34 9.71 1.48
CA LEU A 120 14.25 8.92 2.71
C LEU A 120 15.21 7.76 2.89
N ILE A 121 15.66 7.13 1.81
CA ILE A 121 16.31 5.85 1.95
C ILE A 121 17.15 5.59 0.72
N HIP A 122 18.28 4.93 0.95
CA HIP A 122 19.15 4.39 -0.13
CB HIP A 122 20.61 4.82 0.09
CG HIP A 122 21.57 4.10 -0.80
CD2 HIP A 122 22.19 2.91 -0.61
NE2 HIP A 122 22.95 2.65 -1.71
CE1 HIP A 122 22.82 3.67 -2.60
ND1 HIP A 122 21.94 4.58 -2.02
P HIP A 122 21.42 6.05 -2.69
O1P HIP A 122 22.01 6.12 -4.08
O2P HIP A 122 22.07 7.07 -1.77
O3P HIP A 122 19.92 6.17 -2.72
C HIP A 122 19.06 2.86 -0.14
O HIP A 122 18.94 2.28 0.96
N HIS A 122 18.28 4.91 0.91
CA HIS A 122 19.14 4.39 -0.16
C HIS A 122 19.12 2.87 -0.13
N GLY A 123 19.17 2.23 -1.29
CA GLY A 123 19.38 0.79 -1.36
C GLY A 123 20.32 0.45 -2.51
N SER A 124 21.10 -0.61 -2.31
CA SER A 124 22.05 -1.02 -3.35
C SER A 124 21.32 -1.34 -4.64
N ASP A 125 21.93 -1.00 -5.77
CA ASP A 125 21.25 -1.23 -7.04
C ASP A 125 21.69 -2.50 -7.76
N SER A 126 22.66 -3.26 -7.23
CA SER A 126 23.16 -4.44 -7.91
C SER A 126 23.96 -5.28 -6.92
N ALA A 127 24.27 -6.51 -7.32
CA ALA A 127 25.07 -7.37 -6.47
C ALA A 127 26.43 -6.74 -6.20
N GLU A 128 27.04 -6.15 -7.23
CA GLU A 128 28.36 -5.56 -7.06
C GLU A 128 28.32 -4.37 -6.11
N SER A 129 27.31 -3.50 -6.27
CA SER A 129 27.25 -2.35 -5.38
CA SER A 129 27.18 -2.34 -5.39
C SER A 129 26.87 -2.75 -3.95
N ALA A 130 26.06 -3.80 -3.79
CA ALA A 130 25.77 -4.25 -2.43
C ALA A 130 27.03 -4.73 -1.73
N LYS A 131 27.87 -5.51 -2.41
CA LYS A 131 29.10 -5.97 -1.77
C LYS A 131 29.98 -4.79 -1.40
N ARG A 132 30.12 -3.82 -2.32
CA ARG A 132 30.98 -2.68 -2.06
C ARG A 132 30.45 -1.82 -0.92
N GLU A 133 29.13 -1.57 -0.92
CA GLU A 133 28.54 -0.69 0.08
C GLU A 133 28.56 -1.32 1.46
N ILE A 134 28.26 -2.62 1.55
CA ILE A 134 28.31 -3.29 2.84
C ILE A 134 29.73 -3.19 3.41
N SER A 135 30.73 -3.36 2.56
CA SER A 135 32.12 -3.30 3.04
C SER A 135 32.53 -1.89 3.43
N LEU A 136 31.98 -0.87 2.77
CA LEU A 136 32.32 0.51 3.08
C LEU A 136 31.81 0.91 4.46
N TRP A 137 30.56 0.55 4.76
CA TRP A 137 29.90 1.05 5.96
C TRP A 137 30.01 0.09 7.14
N PHE A 138 30.33 -1.17 6.91
CA PHE A 138 30.41 -2.16 7.98
C PHE A 138 31.71 -2.95 7.91
N LYS A 139 32.31 -3.20 9.07
CA LYS A 139 33.37 -4.18 9.16
C LYS A 139 32.75 -5.57 9.19
N PRO A 140 33.49 -6.60 8.76
CA PRO A 140 32.89 -7.96 8.79
C PRO A 140 32.40 -8.39 10.15
N GLU A 141 33.07 -7.99 11.24
CA GLU A 141 32.64 -8.40 12.57
C GLU A 141 31.30 -7.77 12.97
N GLU A 142 30.79 -6.81 12.21
CA GLU A 142 29.50 -6.18 12.48
C GLU A 142 28.34 -6.89 11.80
N ILE A 143 28.63 -7.87 10.94
CA ILE A 143 27.60 -8.59 10.20
C ILE A 143 27.28 -9.84 10.99
N GLN A 144 26.02 -9.98 11.38
CA GLN A 144 25.59 -11.00 12.33
C GLN A 144 24.85 -12.10 11.59
N SER A 145 25.25 -13.34 11.85
CA SER A 145 24.64 -14.52 11.24
CA SER A 145 24.64 -14.52 11.24
C SER A 145 23.79 -15.24 12.27
N TYR A 146 22.51 -15.39 11.96
CA TYR A 146 21.57 -16.19 12.75
C TYR A 146 20.44 -16.59 11.80
N LYS A 147 19.66 -17.56 12.24
CA LYS A 147 18.55 -18.08 11.43
C LYS A 147 17.23 -17.63 12.03
N LEU A 148 16.33 -17.13 11.17
CA LEU A 148 14.98 -16.77 11.62
C LEU A 148 14.19 -18.02 12.00
N ALA A 149 13.54 -17.95 13.15
CA ALA A 149 12.77 -19.08 13.65
C ALA A 149 11.64 -19.47 12.72
N LEU A 150 11.08 -18.52 11.98
CA LEU A 150 9.98 -18.79 11.04
C LEU A 150 10.47 -19.15 9.64
N SER A 151 11.74 -19.55 9.49
CA SER A 151 12.31 -19.84 8.18
CA SER A 151 12.30 -19.83 8.16
C SER A 151 11.46 -20.82 7.38
N ASP A 152 10.95 -21.88 8.03
CA ASP A 152 10.21 -22.91 7.31
C ASP A 152 8.93 -22.37 6.67
N TYR A 153 8.41 -21.24 7.18
CA TYR A 153 7.20 -20.62 6.68
C TYR A 153 7.48 -19.40 5.81
N ILE A 154 8.74 -19.03 5.64
CA ILE A 154 9.13 -17.92 4.78
C ILE A 154 9.71 -18.43 3.46
N PHE A 155 10.53 -19.47 3.53
CA PHE A 155 11.24 -20.00 2.39
C PHE A 155 10.60 -21.31 1.95
N GLU A 156 10.50 -21.48 0.64
CA GLU A 156 9.93 -22.71 0.09
C GLU A 156 10.96 -23.83 0.18
N HIS B 8 8.69 25.08 -5.47
CA HIS B 8 7.37 25.55 -5.88
C HIS B 8 6.28 24.57 -5.47
N VAL B 9 5.33 25.03 -4.68
CA VAL B 9 4.23 24.18 -4.25
C VAL B 9 2.94 24.68 -4.85
N GLU B 10 1.94 23.81 -4.87
CA GLU B 10 0.60 24.17 -5.28
C GLU B 10 -0.40 23.66 -4.24
N GLN B 11 -1.66 23.97 -4.45
CA GLN B 11 -2.75 23.61 -3.55
C GLN B 11 -3.85 22.92 -4.34
N THR B 12 -4.41 21.88 -3.74
CA THR B 12 -5.49 21.15 -4.36
C THR B 12 -6.66 21.06 -3.39
N TYR B 13 -7.86 20.93 -3.96
CA TYR B 13 -9.07 20.75 -3.17
C TYR B 13 -9.33 19.25 -3.03
N LEU B 14 -9.39 18.78 -1.79
CA LEU B 14 -9.73 17.39 -1.48
C LEU B 14 -10.94 17.40 -0.55
N MET B 15 -11.90 16.53 -0.81
CA MET B 15 -13.14 16.48 -0.04
C MET B 15 -13.46 15.05 0.32
N ILE B 16 -13.59 14.77 1.61
CA ILE B 16 -14.05 13.47 2.06
C ILE B 16 -15.57 13.44 1.91
N LYS B 17 -16.07 12.48 1.16
CA LYS B 17 -17.47 12.35 0.83
C LYS B 17 -18.23 11.72 1.98
N PRO B 18 -19.56 11.72 1.94
CA PRO B 18 -20.32 11.20 3.09
C PRO B 18 -19.97 9.78 3.46
N ASP B 19 -19.59 8.94 2.49
CA ASP B 19 -19.16 7.58 2.82
C ASP B 19 -17.89 7.55 3.67
N GLY B 20 -16.95 8.46 3.42
CA GLY B 20 -15.76 8.53 4.26
C GLY B 20 -16.10 8.96 5.69
N ILE B 21 -17.05 9.90 5.84
CA ILE B 21 -17.50 10.31 7.16
C ILE B 21 -18.20 9.15 7.86
N GLN B 22 -19.15 8.51 7.18
CA GLN B 22 -20.00 7.50 7.82
C GLN B 22 -19.24 6.21 8.10
N ARG B 23 -18.27 5.88 7.27
CA ARG B 23 -17.43 4.72 7.54
C ARG B 23 -16.35 5.03 8.55
N GLN B 24 -16.24 6.28 8.96
CA GLN B 24 -15.37 6.71 10.05
C GLN B 24 -13.90 6.43 9.75
N VAL B 25 -13.49 6.84 8.55
CA VAL B 25 -12.11 6.72 8.09
C VAL B 25 -11.48 8.09 7.81
N VAL B 26 -12.05 9.16 8.38
CA VAL B 26 -11.55 10.50 8.15
C VAL B 26 -10.08 10.62 8.54
N GLY B 27 -9.76 10.17 9.75
CA GLY B 27 -8.39 10.28 10.21
C GLY B 27 -7.42 9.51 9.36
N GLU B 28 -7.81 8.30 8.92
CA GLU B 28 -6.92 7.52 8.07
C GLU B 28 -6.63 8.23 6.75
N ILE B 29 -7.66 8.86 6.17
CA ILE B 29 -7.46 9.59 4.92
C ILE B 29 -6.49 10.75 5.13
N ILE B 30 -6.73 11.54 6.17
CA ILE B 30 -5.86 12.68 6.45
C ILE B 30 -4.43 12.20 6.65
N SER B 31 -4.25 11.10 7.37
CA SER B 31 -2.90 10.61 7.64
C SER B 31 -2.14 10.28 6.36
N ARG B 32 -2.83 9.82 5.32
CA ARG B 32 -2.12 9.48 4.09
C ARG B 32 -1.48 10.71 3.46
N PHE B 33 -2.16 11.84 3.53
CA PHE B 33 -1.62 13.07 2.95
C PHE B 33 -0.57 13.70 3.86
N GLU B 34 -0.81 13.69 5.18
CA GLU B 34 0.21 14.16 6.12
C GLU B 34 1.50 13.36 5.99
N LYS B 35 1.39 12.06 5.66
CA LYS B 35 2.56 11.19 5.65
C LYS B 35 3.59 11.65 4.64
N ARG B 36 3.15 12.33 3.58
CA ARG B 36 4.07 12.84 2.54
C ARG B 36 4.56 14.24 2.84
N GLY B 37 4.20 14.80 3.99
CA GLY B 37 4.60 16.16 4.28
C GLY B 37 3.77 17.19 3.56
N TYR B 38 2.57 16.82 3.13
CA TYR B 38 1.65 17.81 2.60
C TYR B 38 1.07 18.61 3.76
N ARG B 39 0.90 19.91 3.54
CA ARG B 39 0.43 20.81 4.58
C ARG B 39 -1.08 21.00 4.48
N ILE B 40 -1.76 20.90 5.61
CA ILE B 40 -3.18 21.24 5.70
C ILE B 40 -3.29 22.76 5.65
N ALA B 41 -3.75 23.31 4.54
CA ALA B 41 -3.97 24.74 4.42
C ALA B 41 -5.38 25.16 4.75
N ALA B 42 -6.35 24.24 4.69
CA ALA B 42 -7.72 24.55 5.04
C ALA B 42 -8.43 23.25 5.36
N MET B 43 -9.40 23.32 6.27
CA MET B 43 -10.16 22.15 6.62
C MET B 43 -11.45 22.63 7.26
N LYS B 44 -12.58 22.07 6.84
CA LYS B 44 -13.88 22.45 7.38
C LYS B 44 -14.86 21.31 7.18
N LEU B 45 -15.59 20.96 8.25
CA LEU B 45 -16.73 20.05 8.12
C LEU B 45 -17.98 20.86 7.78
N THR B 46 -18.71 20.40 6.77
CA THR B 46 -20.01 21.00 6.46
C THR B 46 -20.94 19.88 6.04
N ILE B 47 -22.18 20.24 5.71
CA ILE B 47 -23.10 19.32 5.08
C ILE B 47 -23.36 19.84 3.68
N ALA B 48 -22.98 19.05 2.67
CA ALA B 48 -23.18 19.44 1.29
C ALA B 48 -24.67 19.46 0.97
N THR B 49 -25.09 20.46 0.22
CA THR B 49 -26.48 20.64 -0.19
C THR B 49 -26.58 20.59 -1.71
N PRO B 50 -27.77 20.34 -2.24
CA PRO B 50 -27.92 20.29 -3.70
C PRO B 50 -27.42 21.54 -4.41
N ALA B 51 -27.67 22.73 -3.90
CA ALA B 51 -27.28 23.92 -4.65
C ALA B 51 -25.77 24.00 -4.80
N ILE B 52 -25.03 23.66 -3.74
CA ILE B 52 -23.58 23.74 -3.85
C ILE B 52 -23.06 22.59 -4.69
N LEU B 53 -23.69 21.42 -4.59
CA LEU B 53 -23.26 20.27 -5.39
C LEU B 53 -23.55 20.48 -6.87
N GLU B 54 -24.61 21.21 -7.22
CA GLU B 54 -24.85 21.50 -8.62
C GLU B 54 -23.74 22.35 -9.20
N GLU B 55 -23.20 23.29 -8.42
CA GLU B 55 -22.04 24.05 -8.87
CA GLU B 55 -22.05 24.05 -8.89
C GLU B 55 -20.81 23.17 -8.96
N HIS B 56 -20.57 22.36 -7.93
CA HIS B 56 -19.42 21.47 -7.91
C HIS B 56 -19.41 20.60 -9.14
N TYR B 57 -20.57 20.05 -9.50
CA TYR B 57 -20.74 19.14 -10.63
C TYR B 57 -21.33 19.84 -11.85
N ALA B 58 -21.02 21.12 -12.03
CA ALA B 58 -21.63 21.89 -13.10
C ALA B 58 -21.39 21.29 -14.47
N GLU B 59 -20.22 20.66 -14.68
CA GLU B 59 -19.95 20.09 -16.00
C GLU B 59 -20.93 18.98 -16.34
N HIS B 60 -21.55 18.37 -15.34
CA HIS B 60 -22.45 17.24 -15.52
C HIS B 60 -23.92 17.65 -15.51
N LYS B 61 -24.20 18.96 -15.54
CA LYS B 61 -25.58 19.42 -15.57
C LYS B 61 -26.35 18.75 -16.70
N GLY B 62 -27.49 18.14 -16.36
CA GLY B 62 -28.36 17.54 -17.35
C GLY B 62 -28.10 16.09 -17.65
N LYS B 63 -26.98 15.53 -17.18
CA LYS B 63 -26.70 14.13 -17.44
C LYS B 63 -27.56 13.24 -16.55
N PRO B 64 -27.98 12.07 -17.06
CA PRO B 64 -28.95 11.27 -16.31
C PRO B 64 -28.46 10.79 -14.96
N PHE B 65 -27.14 10.64 -14.78
CA PHE B 65 -26.62 10.17 -13.50
C PHE B 65 -26.58 11.26 -12.44
N LEU B 66 -26.74 12.53 -12.82
CA LEU B 66 -26.50 13.61 -11.86
C LEU B 66 -27.46 13.58 -10.67
N PRO B 67 -28.77 13.38 -10.85
CA PRO B 67 -29.64 13.43 -9.65
C PRO B 67 -29.23 12.43 -8.59
N GLY B 68 -28.90 11.20 -8.98
CA GLY B 68 -28.49 10.21 -8.00
C GLY B 68 -27.13 10.53 -7.38
N LEU B 69 -26.25 11.14 -8.16
CA LEU B 69 -24.96 11.58 -7.63
C LEU B 69 -25.16 12.64 -6.56
N ILE B 70 -26.03 13.61 -6.82
CA ILE B 70 -26.28 14.65 -5.83
CA ILE B 70 -26.29 14.67 -5.84
C ILE B 70 -26.89 14.07 -4.57
N GLU B 71 -27.80 13.10 -4.73
CA GLU B 71 -28.38 12.43 -3.57
C GLU B 71 -27.30 11.74 -2.71
N LYS B 72 -26.36 11.04 -3.35
CA LYS B 72 -25.32 10.37 -2.60
C LYS B 72 -24.43 11.36 -1.87
N MET B 73 -24.21 12.52 -2.47
CA MET B 73 -23.29 13.51 -1.94
C MET B 73 -23.97 14.47 -0.96
N THR B 74 -25.29 14.40 -0.80
CA THR B 74 -25.99 15.25 0.16
C THR B 74 -25.84 14.64 1.55
N GLY B 75 -24.91 15.19 2.32
CA GLY B 75 -24.52 14.62 3.58
C GLY B 75 -23.31 15.35 4.10
N PRO B 76 -22.83 14.95 5.27
CA PRO B 76 -21.60 15.55 5.79
C PRO B 76 -20.42 15.27 4.87
N VAL B 77 -19.58 16.29 4.69
CA VAL B 77 -18.34 16.19 3.93
C VAL B 77 -17.26 16.95 4.68
N LEU B 78 -16.00 16.54 4.49
CA LEU B 78 -14.87 17.29 5.03
C LEU B 78 -14.16 17.96 3.87
N CYS B 79 -14.28 19.28 3.81
CA CYS B 79 -13.58 20.07 2.83
C CYS B 79 -12.14 20.29 3.29
N MET B 80 -11.19 20.13 2.37
CA MET B 80 -9.78 20.25 2.71
C MET B 80 -9.01 20.90 1.57
N VAL B 81 -7.97 21.65 1.93
CA VAL B 81 -6.96 22.07 0.98
C VAL B 81 -5.63 21.56 1.49
N PHE B 82 -4.92 20.83 0.64
CA PHE B 82 -3.56 20.39 0.93
C PHE B 82 -2.58 21.04 -0.03
N GLU B 83 -1.39 21.33 0.48
CA GLU B 83 -0.33 22.01 -0.28
C GLU B 83 0.90 21.12 -0.35
N GLY B 84 1.52 21.06 -1.52
CA GLY B 84 2.77 20.34 -1.69
C GLY B 84 3.25 20.46 -3.12
N VAL B 85 4.43 19.88 -3.38
CA VAL B 85 4.96 19.82 -4.74
C VAL B 85 4.05 18.95 -5.59
N ASP B 86 3.57 19.49 -6.71
CA ASP B 86 2.82 18.71 -7.68
C ASP B 86 1.61 18.05 -7.02
N VAL B 87 1.06 18.69 -5.98
CA VAL B 87 0.06 18.03 -5.16
C VAL B 87 -1.23 17.75 -5.92
N ILE B 88 -1.58 18.54 -6.93
CA ILE B 88 -2.82 18.24 -7.66
C ILE B 88 -2.73 16.88 -8.32
N ALA B 89 -1.70 16.67 -9.14
CA ALA B 89 -1.51 15.37 -9.79
C ALA B 89 -1.23 14.27 -8.79
N GLN B 90 -0.43 14.55 -7.76
CA GLN B 90 -0.07 13.51 -6.81
C GLN B 90 -1.27 13.05 -6.01
N ALA B 91 -2.13 13.99 -5.61
CA ALA B 91 -3.32 13.58 -4.88
C ALA B 91 -4.24 12.72 -5.74
N ARG B 92 -4.36 13.05 -7.04
CA ARG B 92 -5.15 12.20 -7.93
CA ARG B 92 -5.14 12.20 -7.95
C ARG B 92 -4.56 10.80 -8.00
N LYS B 93 -3.24 10.69 -8.07
CA LYS B 93 -2.58 9.40 -8.11
C LYS B 93 -2.82 8.61 -6.82
N MET B 94 -2.81 9.32 -5.67
CA MET B 94 -3.01 8.67 -4.38
C MET B 94 -4.44 8.20 -4.21
N MET B 95 -5.40 8.94 -4.75
CA MET B 95 -6.79 8.51 -4.70
C MET B 95 -7.01 7.27 -5.55
N GLY B 96 -6.36 7.21 -6.69
CA GLY B 96 -6.57 6.15 -7.65
C GLY B 96 -7.74 6.43 -8.57
N SER B 97 -7.91 5.52 -9.54
CA SER B 97 -8.98 5.62 -10.52
C SER B 97 -10.34 5.86 -9.86
N THR B 98 -11.17 6.64 -10.58
CA THR B 98 -12.54 6.89 -10.17
C THR B 98 -13.27 5.60 -9.83
N ARG B 99 -13.08 4.57 -10.65
CA ARG B 99 -13.65 3.25 -10.41
C ARG B 99 -12.69 2.46 -9.53
N PRO B 100 -13.07 2.16 -8.28
CA PRO B 100 -12.13 1.48 -7.39
C PRO B 100 -11.60 0.17 -7.93
N GLY B 101 -12.38 -0.56 -8.72
CA GLY B 101 -11.94 -1.83 -9.26
C GLY B 101 -10.79 -1.71 -10.24
N GLU B 102 -10.60 -0.52 -10.82
CA GLU B 102 -9.51 -0.23 -11.74
C GLU B 102 -8.34 0.44 -11.05
N ALA B 103 -8.52 0.88 -9.80
CA ALA B 103 -7.50 1.64 -9.10
C ALA B 103 -6.36 0.72 -8.64
N ALA B 104 -5.17 1.30 -8.59
CA ALA B 104 -3.97 0.54 -8.27
C ALA B 104 -3.94 0.15 -6.79
N PRO B 105 -3.43 -1.03 -6.44
CA PRO B 105 -3.23 -1.33 -5.02
C PRO B 105 -2.39 -0.25 -4.37
N GLY B 106 -2.74 0.09 -3.13
CA GLY B 106 -2.08 1.13 -2.41
C GLY B 106 -2.73 2.49 -2.53
N THR B 107 -3.68 2.65 -3.43
CA THR B 107 -4.43 3.89 -3.54
C THR B 107 -5.63 3.85 -2.61
N ILE B 108 -6.17 5.04 -2.32
CA ILE B 108 -7.28 5.12 -1.38
C ILE B 108 -8.48 4.34 -1.90
N ARG B 109 -8.84 4.53 -3.16
CA ARG B 109 -10.05 3.89 -3.67
C ARG B 109 -9.89 2.38 -3.76
N ALA B 110 -8.70 1.90 -4.16
CA ALA B 110 -8.47 0.46 -4.18
C ALA B 110 -8.48 -0.13 -2.78
N ASP B 111 -7.99 0.61 -1.79
CA ASP B 111 -7.83 0.04 -0.45
C ASP B 111 -9.13 0.06 0.34
N PHE B 112 -10.04 0.98 0.03
CA PHE B 112 -11.25 1.20 0.81
C PHE B 112 -12.57 0.93 0.10
N CYS B 113 -12.62 0.89 -1.23
CA CYS B 113 -13.90 1.04 -1.92
C CYS B 113 -14.15 -0.04 -2.96
N GLN B 114 -15.40 -0.08 -3.43
CA GLN B 114 -15.84 -1.03 -4.44
C GLN B 114 -16.37 -0.41 -5.72
N GLN B 115 -17.11 0.71 -5.63
CA GLN B 115 -17.80 1.28 -6.77
C GLN B 115 -17.62 2.79 -6.84
N ALA B 116 -17.68 3.32 -8.07
CA ALA B 116 -17.39 4.74 -8.30
C ALA B 116 -18.35 5.65 -7.55
N GLY B 117 -19.63 5.25 -7.43
CA GLY B 117 -20.59 6.08 -6.74
C GLY B 117 -20.34 6.23 -5.25
N ARG B 118 -19.52 5.36 -4.67
CA ARG B 118 -19.11 5.46 -3.27
C ARG B 118 -17.60 5.28 -3.24
N ASN B 119 -16.88 6.31 -3.66
CA ASN B 119 -15.42 6.22 -3.81
C ASN B 119 -14.67 7.17 -2.88
N LEU B 120 -15.32 7.52 -1.76
CA LEU B 120 -14.77 8.04 -0.51
C LEU B 120 -14.24 9.46 -0.50
N ILE B 121 -13.79 9.95 -1.63
CA ILE B 121 -12.99 11.16 -1.65
C ILE B 121 -13.06 11.78 -3.03
N HIP B 122 -13.02 13.10 -3.05
CA HIP B 122 -12.88 13.90 -4.28
CB HIP B 122 -14.00 14.95 -4.38
CG HIP B 122 -13.76 15.93 -5.47
CD2 HIP B 122 -13.00 17.06 -5.47
NE2 HIP B 122 -13.03 17.60 -6.72
CE1 HIP B 122 -13.80 16.83 -7.52
ND1 HIP B 122 -14.27 15.76 -6.75
P HIP B 122 -15.36 14.53 -7.32
O1P HIP B 122 -15.46 14.78 -8.81
O2P HIP B 122 -16.64 14.82 -6.54
O3P HIP B 122 -14.82 13.15 -7.00
C HIP B 122 -11.54 14.63 -4.27
O HIP B 122 -11.15 15.16 -3.22
N GLY B 123 -10.87 14.75 -5.42
CA GLY B 123 -9.73 15.64 -5.56
C GLY B 123 -9.77 16.36 -6.89
N SER B 124 -9.30 17.60 -6.90
CA SER B 124 -9.28 18.39 -8.13
C SER B 124 -8.51 17.67 -9.24
N ASP B 125 -9.02 17.76 -10.45
CA ASP B 125 -8.40 17.09 -11.58
C ASP B 125 -7.39 17.95 -12.35
N SER B 126 -7.26 19.24 -12.01
CA SER B 126 -6.41 20.15 -12.77
C SER B 126 -6.20 21.42 -11.95
N ALA B 127 -5.25 22.25 -12.39
CA ALA B 127 -5.04 23.54 -11.76
C ALA B 127 -6.29 24.41 -11.84
N GLU B 128 -6.96 24.42 -13.01
CA GLU B 128 -8.16 25.23 -13.17
C GLU B 128 -9.28 24.76 -12.24
N SER B 129 -9.46 23.44 -12.12
CA SER B 129 -10.51 22.94 -11.23
CA SER B 129 -10.49 22.90 -11.23
C SER B 129 -10.16 23.14 -9.77
N ALA B 130 -8.88 23.08 -9.39
CA ALA B 130 -8.53 23.35 -8.00
C ALA B 130 -8.88 24.79 -7.62
N LYS B 131 -8.60 25.76 -8.49
CA LYS B 131 -8.96 27.14 -8.18
C LYS B 131 -10.47 27.29 -8.06
N ARG B 132 -11.20 26.70 -8.99
CA ARG B 132 -12.66 26.80 -8.97
CA ARG B 132 -12.65 26.78 -8.99
C ARG B 132 -13.24 26.13 -7.72
N GLU B 133 -12.76 24.94 -7.39
CA GLU B 133 -13.33 24.21 -6.25
C GLU B 133 -12.95 24.86 -4.93
N ILE B 134 -11.71 25.32 -4.78
CA ILE B 134 -11.34 26.03 -3.55
C ILE B 134 -12.21 27.27 -3.37
N SER B 135 -12.48 28.01 -4.46
CA SER B 135 -13.32 29.20 -4.35
C SER B 135 -14.76 28.86 -4.02
N LEU B 136 -15.25 27.72 -4.50
CA LEU B 136 -16.64 27.34 -4.26
C LEU B 136 -16.85 26.92 -2.81
N TRP B 137 -15.97 26.06 -2.29
CA TRP B 137 -16.21 25.41 -1.02
C TRP B 137 -15.62 26.16 0.17
N PHE B 138 -14.66 27.05 -0.05
CA PHE B 138 -14.02 27.82 1.02
C PHE B 138 -14.15 29.32 0.75
N LYS B 139 -14.27 30.09 1.82
CA LYS B 139 -13.97 31.51 1.73
C LYS B 139 -12.46 31.69 1.78
N PRO B 140 -11.92 32.72 1.11
CA PRO B 140 -10.45 32.93 1.21
C PRO B 140 -9.96 33.08 2.64
N GLU B 141 -10.81 33.56 3.55
CA GLU B 141 -10.43 33.67 4.96
C GLU B 141 -10.04 32.32 5.55
N GLU B 142 -10.61 31.23 5.02
CA GLU B 142 -10.43 29.91 5.60
C GLU B 142 -9.14 29.23 5.16
N ILE B 143 -8.42 29.80 4.22
CA ILE B 143 -7.12 29.26 3.79
C ILE B 143 -6.04 29.88 4.68
N GLN B 144 -5.27 29.04 5.36
CA GLN B 144 -4.33 29.48 6.38
C GLN B 144 -2.91 29.38 5.86
N SER B 145 -2.10 30.41 6.12
CA SER B 145 -0.71 30.43 5.71
CA SER B 145 -0.71 30.45 5.71
C SER B 145 0.18 30.18 6.92
N TYR B 146 0.98 29.11 6.85
CA TYR B 146 2.01 28.81 7.84
C TYR B 146 3.00 27.85 7.18
N LYS B 147 4.16 27.67 7.81
CA LYS B 147 5.24 26.85 7.28
C LYS B 147 5.43 25.60 8.13
N LEU B 148 5.60 24.46 7.47
CA LEU B 148 5.91 23.22 8.19
C LEU B 148 7.35 23.24 8.72
N ALA B 149 7.49 22.92 10.00
CA ALA B 149 8.79 22.92 10.64
C ALA B 149 9.76 21.91 10.04
N LEU B 150 9.25 20.82 9.46
CA LEU B 150 10.10 19.81 8.84
C LEU B 150 10.44 20.12 7.38
N SER B 151 10.21 21.36 6.92
CA SER B 151 10.39 21.69 5.51
CA SER B 151 10.39 21.69 5.51
C SER B 151 11.77 21.31 4.99
N ASP B 152 12.82 21.51 5.80
CA ASP B 152 14.18 21.25 5.31
C ASP B 152 14.39 19.78 4.97
N TYR B 153 13.58 18.88 5.55
CA TYR B 153 13.68 17.44 5.30
C TYR B 153 12.60 16.93 4.36
N ILE B 154 11.65 17.76 3.96
CA ILE B 154 10.62 17.39 3.00
C ILE B 154 10.97 17.87 1.60
N PHE B 155 11.51 19.08 1.49
CA PHE B 155 11.77 19.73 0.22
C PHE B 155 13.26 19.73 -0.05
N GLU B 156 13.61 19.54 -1.32
CA GLU B 156 15.01 19.49 -1.70
C GLU B 156 15.52 20.92 -1.83
N HIS C 8 -25.15 -6.06 -7.53
CA HIS C 8 -24.77 -7.42 -7.90
C HIS C 8 -23.45 -7.80 -7.24
N VAL C 9 -23.52 -8.59 -6.17
CA VAL C 9 -22.33 -9.07 -5.49
C VAL C 9 -22.08 -10.53 -5.85
N GLU C 10 -20.86 -10.98 -5.59
CA GLU C 10 -20.53 -12.39 -5.70
C GLU C 10 -19.71 -12.79 -4.47
N GLN C 11 -19.39 -14.07 -4.40
CA GLN C 11 -18.65 -14.64 -3.27
C GLN C 11 -17.42 -15.37 -3.78
N THR C 12 -16.32 -15.21 -3.06
CA THR C 12 -15.07 -15.88 -3.38
C THR C 12 -14.58 -16.69 -2.18
N TYR C 13 -13.83 -17.74 -2.49
CA TYR C 13 -13.17 -18.55 -1.46
C TYR C 13 -11.74 -18.06 -1.27
N LEU C 14 -11.43 -17.63 -0.04
CA LEU C 14 -10.09 -17.21 0.34
C LEU C 14 -9.63 -18.08 1.51
N MET C 15 -8.39 -18.54 1.46
CA MET C 15 -7.88 -19.45 2.46
C MET C 15 -6.51 -18.98 2.91
N ILE C 16 -6.37 -18.72 4.20
CA ILE C 16 -5.07 -18.41 4.77
C ILE C 16 -4.31 -19.71 4.95
N LYS C 17 -3.12 -19.80 4.34
CA LYS C 17 -2.31 -21.00 4.32
C LYS C 17 -1.56 -21.13 5.63
N PRO C 18 -0.92 -22.29 5.88
CA PRO C 18 -0.25 -22.47 7.18
C PRO C 18 0.77 -21.41 7.51
N ASP C 19 1.45 -20.82 6.51
CA ASP C 19 2.37 -19.73 6.78
C ASP C 19 1.67 -18.50 7.34
N GLY C 20 0.47 -18.19 6.87
CA GLY C 20 -0.26 -17.06 7.43
C GLY C 20 -0.64 -17.31 8.87
N ILE C 21 -1.01 -18.56 9.20
CA ILE C 21 -1.34 -18.89 10.58
C ILE C 21 -0.11 -18.78 11.47
N GLN C 22 1.00 -19.42 11.04
CA GLN C 22 2.21 -19.52 11.86
C GLN C 22 2.91 -18.19 12.01
N ARG C 23 2.87 -17.34 10.99
CA ARG C 23 3.44 -16.00 11.12
C ARG C 23 2.50 -15.05 11.85
N GLN C 24 1.30 -15.52 12.18
CA GLN C 24 0.36 -14.80 13.04
C GLN C 24 -0.03 -13.45 12.45
N VAL C 25 -0.42 -13.49 11.17
CA VAL C 25 -0.90 -12.34 10.41
C VAL C 25 -2.36 -12.53 9.97
N VAL C 26 -3.09 -13.44 10.62
CA VAL C 26 -4.50 -13.69 10.26
C VAL C 26 -5.32 -12.41 10.33
N GLY C 27 -5.21 -11.67 11.44
CA GLY C 27 -6.00 -10.47 11.59
C GLY C 27 -5.68 -9.42 10.55
N GLU C 28 -4.39 -9.24 10.25
CA GLU C 28 -4.01 -8.27 9.23
C GLU C 28 -4.60 -8.64 7.87
N ILE C 29 -4.60 -9.93 7.54
CA ILE C 29 -5.17 -10.36 6.26
C ILE C 29 -6.66 -10.03 6.23
N ILE C 30 -7.38 -10.44 7.27
CA ILE C 30 -8.83 -10.18 7.31
C ILE C 30 -9.11 -8.69 7.20
N SER C 31 -8.33 -7.86 7.91
CA SER C 31 -8.56 -6.43 7.89
C SER C 31 -8.46 -5.85 6.49
N ARG C 32 -7.59 -6.39 5.64
CA ARG C 32 -7.46 -5.84 4.30
C ARG C 32 -8.74 -6.02 3.50
N PHE C 33 -9.45 -7.13 3.70
CA PHE C 33 -10.70 -7.36 2.98
C PHE C 33 -11.86 -6.61 3.63
N GLU C 34 -11.93 -6.59 4.96
CA GLU C 34 -12.93 -5.77 5.63
C GLU C 34 -12.82 -4.30 5.24
N LYS C 35 -11.60 -3.84 4.97
CA LYS C 35 -11.38 -2.42 4.70
C LYS C 35 -12.13 -1.95 3.46
N ARG C 36 -12.38 -2.84 2.51
CA ARG C 36 -13.13 -2.49 1.30
C ARG C 36 -14.63 -2.66 1.46
N GLY C 37 -15.10 -3.00 2.65
CA GLY C 37 -16.50 -3.29 2.83
C GLY C 37 -16.91 -4.64 2.33
N TYR C 38 -15.96 -5.56 2.16
CA TYR C 38 -16.33 -6.93 1.85
C TYR C 38 -16.87 -7.61 3.10
N ARG C 39 -17.90 -8.44 2.89
CA ARG C 39 -18.64 -9.08 3.98
C ARG C 39 -18.11 -10.49 4.22
N ILE C 40 -17.83 -10.81 5.48
CA ILE C 40 -17.46 -12.17 5.86
C ILE C 40 -18.73 -13.01 5.82
N ALA C 41 -18.82 -13.93 4.88
CA ALA C 41 -19.95 -14.84 4.75
C ALA C 41 -19.68 -16.20 5.37
N ALA C 42 -18.43 -16.58 5.54
CA ALA C 42 -18.12 -17.85 6.19
C ALA C 42 -16.68 -17.78 6.67
N MET C 43 -16.39 -18.51 7.74
CA MET C 43 -15.04 -18.55 8.28
C MET C 43 -14.92 -19.77 9.17
N LYS C 44 -13.82 -20.51 9.02
CA LYS C 44 -13.60 -21.74 9.78
C LYS C 44 -12.11 -22.04 9.82
N LEU C 45 -11.57 -22.27 11.01
CA LEU C 45 -10.22 -22.83 11.15
C LEU C 45 -10.31 -24.35 11.08
N THR C 46 -9.44 -24.95 10.27
CA THR C 46 -9.35 -26.40 10.21
C THR C 46 -7.89 -26.76 9.97
N ILE C 47 -7.60 -28.05 10.01
CA ILE C 47 -6.29 -28.57 9.59
C ILE C 47 -6.51 -29.28 8.28
N ALA C 48 -5.93 -28.76 7.21
CA ALA C 48 -6.14 -29.33 5.89
C ALA C 48 -5.52 -30.71 5.82
N THR C 49 -6.20 -31.62 5.13
CA THR C 49 -5.74 -32.99 4.96
C THR C 49 -5.33 -33.21 3.52
N PRO C 50 -4.47 -34.19 3.25
CA PRO C 50 -4.13 -34.50 1.86
C PRO C 50 -5.35 -34.79 1.00
N ALA C 51 -6.37 -35.46 1.56
CA ALA C 51 -7.54 -35.81 0.76
C ALA C 51 -8.26 -34.58 0.24
N ILE C 52 -8.48 -33.58 1.10
CA ILE C 52 -9.19 -32.39 0.63
C ILE C 52 -8.28 -31.56 -0.26
N LEU C 53 -6.98 -31.54 0.04
CA LEU C 53 -6.05 -30.77 -0.77
C LEU C 53 -5.89 -31.32 -2.18
N GLU C 54 -5.98 -32.64 -2.34
CA GLU C 54 -5.94 -33.24 -3.67
C GLU C 54 -7.10 -32.75 -4.51
N GLU C 55 -8.29 -32.63 -3.91
CA GLU C 55 -9.43 -32.12 -4.66
CA GLU C 55 -9.45 -32.12 -4.63
C GLU C 55 -9.33 -30.62 -4.88
N HIS C 56 -8.85 -29.88 -3.87
CA HIS C 56 -8.68 -28.44 -4.02
C HIS C 56 -7.76 -28.13 -5.18
N TYR C 57 -6.65 -28.87 -5.28
CA TYR C 57 -5.66 -28.71 -6.33
C TYR C 57 -5.83 -29.74 -7.44
N ALA C 58 -7.06 -30.15 -7.74
CA ALA C 58 -7.30 -31.14 -8.78
C ALA C 58 -6.72 -30.73 -10.12
N GLU C 59 -6.63 -29.42 -10.40
CA GLU C 59 -6.11 -28.97 -11.69
C GLU C 59 -4.63 -29.28 -11.87
N HIS C 60 -3.92 -29.60 -10.78
CA HIS C 60 -2.51 -29.96 -10.85
C HIS C 60 -2.28 -31.45 -10.70
N LYS C 61 -3.33 -32.27 -10.80
CA LYS C 61 -3.20 -33.71 -10.65
C LYS C 61 -2.10 -34.25 -11.57
N GLY C 62 -1.33 -35.20 -11.03
CA GLY C 62 -0.29 -35.84 -11.81
C GLY C 62 0.93 -35.00 -12.08
N LYS C 63 1.02 -33.77 -11.51
CA LYS C 63 2.18 -32.94 -11.82
C LYS C 63 3.28 -33.14 -10.79
N PRO C 64 4.53 -32.89 -11.17
CA PRO C 64 5.65 -33.24 -10.28
C PRO C 64 5.70 -32.40 -9.01
N PHE C 65 5.20 -31.17 -9.04
CA PHE C 65 5.22 -30.33 -7.84
C PHE C 65 4.05 -30.61 -6.90
N LEU C 66 3.06 -31.40 -7.32
CA LEU C 66 1.86 -31.56 -6.49
C LEU C 66 2.18 -32.16 -5.12
N PRO C 67 2.98 -33.23 -5.02
CA PRO C 67 3.23 -33.78 -3.67
C PRO C 67 3.83 -32.76 -2.71
N GLY C 68 4.79 -31.96 -3.14
CA GLY C 68 5.36 -30.96 -2.25
C GLY C 68 4.38 -29.86 -1.91
N LEU C 69 3.54 -29.49 -2.86
CA LEU C 69 2.50 -28.50 -2.60
C LEU C 69 1.54 -28.99 -1.52
N ILE C 70 1.11 -30.25 -1.62
CA ILE C 70 0.21 -30.81 -0.62
CA ILE C 70 0.21 -30.81 -0.62
C ILE C 70 0.88 -30.84 0.75
N GLU C 71 2.17 -31.19 0.78
CA GLU C 71 2.89 -31.23 2.06
C GLU C 71 2.95 -29.85 2.71
N LYS C 72 3.29 -28.81 1.93
CA LYS C 72 3.33 -27.46 2.47
C LYS C 72 1.99 -27.03 3.04
N MET C 73 0.90 -27.50 2.43
CA MET C 73 -0.44 -27.06 2.79
C MET C 73 -1.09 -27.94 3.86
N THR C 74 -0.45 -29.02 4.26
CA THR C 74 -1.01 -29.90 5.30
C THR C 74 -0.68 -29.27 6.64
N GLY C 75 -1.63 -28.53 7.18
CA GLY C 75 -1.42 -27.80 8.40
C GLY C 75 -2.65 -26.96 8.66
N PRO C 76 -2.60 -26.11 9.69
CA PRO C 76 -3.75 -25.24 9.96
C PRO C 76 -3.97 -24.26 8.82
N VAL C 77 -5.24 -24.07 8.47
CA VAL C 77 -5.66 -23.09 7.47
C VAL C 77 -6.92 -22.41 7.96
N LEU C 78 -7.10 -21.14 7.55
CA LEU C 78 -8.35 -20.44 7.80
C LEU C 78 -9.13 -20.37 6.49
N CYS C 79 -10.23 -21.11 6.44
CA CYS C 79 -11.15 -21.08 5.30
C CYS C 79 -12.04 -19.87 5.44
N MET C 80 -12.25 -19.13 4.34
CA MET C 80 -13.04 -17.90 4.40
C MET C 80 -13.86 -17.76 3.11
N VAL C 81 -15.04 -17.14 3.25
CA VAL C 81 -15.81 -16.66 2.12
C VAL C 81 -16.07 -15.17 2.31
N PHE C 82 -15.68 -14.36 1.34
CA PHE C 82 -15.98 -12.93 1.33
C PHE C 82 -16.89 -12.61 0.16
N GLU C 83 -17.76 -11.63 0.39
CA GLU C 83 -18.76 -11.18 -0.57
C GLU C 83 -18.55 -9.71 -0.91
N GLY C 84 -18.67 -9.39 -2.20
CA GLY C 84 -18.61 -8.01 -2.63
C GLY C 84 -18.72 -7.92 -4.14
N VAL C 85 -18.75 -6.68 -4.64
CA VAL C 85 -18.82 -6.45 -6.07
C VAL C 85 -17.51 -6.94 -6.69
N ASP C 86 -17.63 -7.84 -7.69
CA ASP C 86 -16.44 -8.27 -8.44
C ASP C 86 -15.38 -8.84 -7.50
N VAL C 87 -15.79 -9.45 -6.39
CA VAL C 87 -14.82 -9.78 -5.35
C VAL C 87 -13.87 -10.90 -5.76
N ILE C 88 -14.26 -11.76 -6.69
CA ILE C 88 -13.35 -12.82 -7.11
C ILE C 88 -12.11 -12.20 -7.76
N ALA C 89 -12.31 -11.38 -8.79
CA ALA C 89 -11.18 -10.74 -9.46
C ALA C 89 -10.49 -9.74 -8.55
N GLN C 90 -11.26 -9.00 -7.73
CA GLN C 90 -10.64 -7.99 -6.88
C GLN C 90 -9.76 -8.62 -5.82
N ALA C 91 -10.20 -9.73 -5.21
CA ALA C 91 -9.38 -10.38 -4.20
C ALA C 91 -8.09 -10.91 -4.82
N ARG C 92 -8.15 -11.45 -6.04
CA ARG C 92 -6.93 -11.86 -6.74
C ARG C 92 -5.98 -10.70 -6.92
N LYS C 93 -6.51 -9.54 -7.32
CA LYS C 93 -5.70 -8.34 -7.49
C LYS C 93 -5.05 -7.93 -6.16
N MET C 94 -5.81 -8.02 -5.06
CA MET C 94 -5.29 -7.65 -3.75
C MET C 94 -4.23 -8.62 -3.26
N MET C 95 -4.36 -9.91 -3.60
CA MET C 95 -3.35 -10.88 -3.21
C MET C 95 -2.04 -10.64 -3.95
N GLY C 96 -2.14 -10.26 -5.24
CA GLY C 96 -0.98 -10.10 -6.08
C GLY C 96 -0.56 -11.40 -6.76
N SER C 97 0.40 -11.28 -7.66
CA SER C 97 0.93 -12.40 -8.43
C SER C 97 1.35 -13.56 -7.52
N THR C 98 1.24 -14.77 -8.08
CA THR C 98 1.61 -16.00 -7.37
C THR C 98 3.02 -15.91 -6.80
N ARG C 99 3.96 -15.39 -7.59
CA ARG C 99 5.33 -15.21 -7.15
C ARG C 99 5.43 -13.85 -6.49
N PRO C 100 5.70 -13.78 -5.18
CA PRO C 100 5.71 -12.48 -4.51
C PRO C 100 6.67 -11.48 -5.13
N GLY C 101 7.78 -11.93 -5.70
CA GLY C 101 8.71 -11.02 -6.31
C GLY C 101 8.17 -10.31 -7.54
N GLU C 102 7.13 -10.87 -8.16
CA GLU C 102 6.47 -10.26 -9.31
C GLU C 102 5.20 -9.51 -8.94
N ALA C 103 4.77 -9.61 -7.68
CA ALA C 103 3.53 -8.98 -7.24
C ALA C 103 3.74 -7.48 -7.03
N ALA C 104 2.66 -6.72 -7.22
CA ALA C 104 2.76 -5.27 -7.14
C ALA C 104 2.87 -4.80 -5.69
N PRO C 105 3.62 -3.72 -5.44
CA PRO C 105 3.62 -3.15 -4.09
C PRO C 105 2.19 -2.82 -3.67
N GLY C 106 1.90 -3.07 -2.39
CA GLY C 106 0.58 -2.90 -1.87
C GLY C 106 -0.30 -4.13 -1.91
N THR C 107 0.14 -5.19 -2.57
CA THR C 107 -0.58 -6.46 -2.52
C THR C 107 -0.09 -7.30 -1.34
N ILE C 108 -0.92 -8.26 -0.95
CA ILE C 108 -0.56 -9.12 0.19
C ILE C 108 0.77 -9.83 -0.07
N ARG C 109 0.88 -10.46 -1.23
CA ARG C 109 2.08 -11.28 -1.46
C ARG C 109 3.34 -10.42 -1.53
N ALA C 110 3.25 -9.24 -2.16
CA ALA C 110 4.41 -8.35 -2.20
C ALA C 110 4.75 -7.81 -0.81
N ASP C 111 3.75 -7.56 0.02
CA ASP C 111 4.01 -6.90 1.29
C ASP C 111 4.50 -7.87 2.37
N PHE C 112 4.17 -9.15 2.24
CA PHE C 112 4.43 -10.13 3.28
C PHE C 112 5.40 -11.25 2.90
N CYS C 113 5.63 -11.53 1.60
CA CYS C 113 6.20 -12.81 1.21
C CYS C 113 7.40 -12.67 0.30
N GLN C 114 8.10 -13.79 0.11
CA GLN C 114 9.29 -13.86 -0.74
C GLN C 114 9.17 -14.86 -1.88
N GLN C 115 8.57 -16.04 -1.64
CA GLN C 115 8.54 -17.11 -2.63
C GLN C 115 7.14 -17.69 -2.79
N ALA C 116 6.88 -18.20 -4.00
CA ALA C 116 5.55 -18.71 -4.35
C ALA C 116 5.12 -19.85 -3.43
N GLY C 117 6.05 -20.69 -3.00
CA GLY C 117 5.69 -21.82 -2.16
C GLY C 117 5.27 -21.42 -0.76
N ARG C 118 5.54 -20.18 -0.34
CA ARG C 118 5.05 -19.64 0.93
C ARG C 118 4.46 -18.26 0.62
N ASN C 119 3.28 -18.25 0.02
CA ASN C 119 2.67 -17.01 -0.45
C ASN C 119 1.36 -16.70 0.28
N LEU C 120 1.22 -17.23 1.49
CA LEU C 120 0.32 -16.80 2.56
C LEU C 120 -1.17 -17.04 2.40
N ILE C 121 -1.68 -17.09 1.17
CA ILE C 121 -3.12 -17.03 0.97
C ILE C 121 -3.44 -17.62 -0.37
N HIP C 122 -4.60 -18.28 -0.41
CA HIP C 122 -5.23 -18.76 -1.66
CB HIP C 122 -5.65 -20.24 -1.54
CG HIP C 122 -6.52 -20.67 -2.67
CD2 HIP C 122 -7.86 -20.54 -2.79
NE2 HIP C 122 -8.22 -20.98 -4.02
CE1 HIP C 122 -7.10 -21.38 -4.69
ND1 HIP C 122 -6.01 -21.18 -3.84
P HIP C 122 -4.36 -21.53 -4.12
O1P HIP C 122 -4.26 -22.04 -5.54
O2P HIP C 122 -4.05 -22.60 -3.10
O3P HIP C 122 -3.50 -20.32 -3.90
C HIP C 122 -6.48 -17.92 -1.96
O HIP C 122 -7.19 -17.57 -0.99
N HIS C 122 -4.61 -18.25 -0.47
CA HIS C 122 -5.19 -18.71 -1.72
C HIS C 122 -6.50 -17.96 -1.95
N GLY C 123 -6.78 -17.64 -3.22
CA GLY C 123 -8.07 -17.09 -3.60
C GLY C 123 -8.57 -17.71 -4.89
N SER C 124 -9.88 -17.91 -5.00
CA SER C 124 -10.46 -18.45 -6.22
C SER C 124 -10.10 -17.57 -7.41
N ASP C 125 -9.89 -18.19 -8.57
CA ASP C 125 -9.47 -17.42 -9.73
C ASP C 125 -10.59 -17.14 -10.74
N SER C 126 -11.80 -17.66 -10.52
CA SER C 126 -12.88 -17.48 -11.48
C SER C 126 -14.20 -17.79 -10.79
N ALA C 127 -15.30 -17.46 -11.47
CA ALA C 127 -16.62 -17.78 -10.94
C ALA C 127 -16.80 -19.29 -10.75
N GLU C 128 -16.37 -20.09 -11.72
CA GLU C 128 -16.53 -21.53 -11.60
C GLU C 128 -15.69 -22.08 -10.45
N SER C 129 -14.44 -21.63 -10.33
CA SER C 129 -13.60 -22.14 -9.25
CA SER C 129 -13.58 -22.09 -9.25
C SER C 129 -14.07 -21.66 -7.88
N ALA C 130 -14.63 -20.44 -7.78
CA ALA C 130 -15.16 -20.00 -6.50
C ALA C 130 -16.31 -20.89 -6.04
N LYS C 131 -17.24 -21.18 -6.94
CA LYS C 131 -18.37 -22.03 -6.58
C LYS C 131 -17.91 -23.43 -6.15
N ARG C 132 -16.94 -23.99 -6.88
CA ARG C 132 -16.44 -25.32 -6.54
C ARG C 132 -15.69 -25.31 -5.21
N GLU C 133 -14.85 -24.29 -4.99
CA GLU C 133 -14.04 -24.28 -3.78
C GLU C 133 -14.88 -24.00 -2.55
N ILE C 134 -15.85 -23.09 -2.64
CA ILE C 134 -16.73 -22.85 -1.52
C ILE C 134 -17.46 -24.15 -1.13
N SER C 135 -17.94 -24.88 -2.13
CA SER C 135 -18.65 -26.12 -1.85
C SER C 135 -17.74 -27.21 -1.30
N LEU C 136 -16.47 -27.20 -1.69
CA LEU C 136 -15.52 -28.18 -1.19
C LEU C 136 -15.23 -27.99 0.29
N TRP C 137 -15.02 -26.74 0.72
CA TRP C 137 -14.55 -26.45 2.06
C TRP C 137 -15.66 -26.11 3.06
N PHE C 138 -16.85 -25.74 2.58
CA PHE C 138 -17.96 -25.36 3.43
C PHE C 138 -19.24 -26.09 3.05
N LYS C 139 -19.97 -26.53 4.08
CA LYS C 139 -21.35 -26.98 3.89
C LYS C 139 -22.26 -25.77 3.75
N PRO C 140 -23.40 -25.89 3.05
CA PRO C 140 -24.27 -24.71 2.89
C PRO C 140 -24.71 -24.10 4.20
N GLU C 141 -24.95 -24.91 5.23
CA GLU C 141 -25.35 -24.35 6.52
C GLU C 141 -24.28 -23.46 7.17
N GLU C 142 -23.03 -23.53 6.70
CA GLU C 142 -21.95 -22.72 7.24
C GLU C 142 -21.87 -21.34 6.57
N ILE C 143 -22.61 -21.12 5.49
CA ILE C 143 -22.59 -19.85 4.77
C ILE C 143 -23.68 -18.96 5.38
N GLN C 144 -23.28 -17.80 5.88
CA GLN C 144 -24.13 -16.94 6.71
C GLN C 144 -24.57 -15.74 5.90
N SER C 145 -25.88 -15.51 5.84
CA SER C 145 -26.46 -14.40 5.10
CA SER C 145 -26.45 -14.39 5.11
C SER C 145 -26.90 -13.32 6.07
N TYR C 146 -26.35 -12.13 5.92
CA TYR C 146 -26.74 -10.92 6.65
C TYR C 146 -26.31 -9.73 5.81
N LYS C 147 -26.86 -8.57 6.13
CA LYS C 147 -26.59 -7.34 5.40
C LYS C 147 -25.70 -6.44 6.24
N LEU C 148 -24.67 -5.86 5.61
CA LEU C 148 -23.84 -4.87 6.30
C LEU C 148 -24.62 -3.58 6.53
N ALA C 149 -24.56 -3.08 7.76
CA ALA C 149 -25.26 -1.85 8.12
C ALA C 149 -24.79 -0.65 7.31
N LEU C 150 -23.52 -0.65 6.85
CA LEU C 150 -23.00 0.44 6.03
C LEU C 150 -23.24 0.25 4.53
N SER C 151 -24.14 -0.67 4.14
CA SER C 151 -24.36 -0.97 2.72
CA SER C 151 -24.33 -0.97 2.73
C SER C 151 -24.62 0.27 1.88
N ASP C 152 -25.40 1.23 2.41
CA ASP C 152 -25.74 2.42 1.63
C ASP C 152 -24.52 3.26 1.29
N TYR C 153 -23.44 3.12 2.07
CA TYR C 153 -22.20 3.89 1.89
C TYR C 153 -21.11 3.08 1.21
N ILE C 154 -21.38 1.81 0.89
CA ILE C 154 -20.43 0.94 0.21
C ILE C 154 -20.83 0.72 -1.25
N PHE C 155 -22.11 0.49 -1.49
CA PHE C 155 -22.61 0.18 -2.82
C PHE C 155 -23.31 1.40 -3.42
N GLU C 156 -23.14 1.58 -4.72
CA GLU C 156 -23.75 2.72 -5.39
C GLU C 156 -25.21 2.35 -5.68
PG ATP D . 19.99 6.11 -3.72
O1G ATP D . 21.38 5.66 -4.09
O2G ATP D . 19.97 7.22 -2.69
O3G ATP D . 19.05 4.95 -3.32
PB ATP D . 18.86 6.24 -6.39
O1B ATP D . 19.66 5.05 -6.81
O2B ATP D . 17.33 6.17 -6.39
O3B ATP D . 19.31 6.72 -4.98
PA ATP D . 20.75 7.97 -7.87
O1A ATP D . 20.64 8.11 -9.34
O2A ATP D . 21.83 7.02 -7.35
O3A ATP D . 19.35 7.45 -7.30
O5' ATP D . 20.97 9.32 -7.08
C5' ATP D . 21.39 9.29 -5.71
C4' ATP D . 20.54 10.27 -4.93
O4' ATP D . 20.85 11.56 -5.50
C3' ATP D . 19.08 10.11 -5.29
O3' ATP D . 18.51 9.19 -4.35
C2' ATP D . 18.54 11.50 -4.97
O2' ATP D . 18.51 11.65 -3.55
C1' ATP D . 19.71 12.40 -5.37
N9 ATP D . 19.50 12.99 -6.68
C8 ATP D . 19.94 12.52 -7.89
N7 ATP D . 19.59 13.26 -8.91
C5 ATP D . 18.88 14.30 -8.33
C6 ATP D . 18.24 15.43 -8.88
N6 ATP D . 18.22 15.71 -10.19
N1 ATP D . 17.62 16.28 -8.03
C2 ATP D . 17.64 16.00 -6.72
N3 ATP D . 18.21 14.97 -6.09
C4 ATP D . 18.81 14.15 -6.96
MG MG E . 21.97 4.91 -6.36
PG ATP F . -3.35 -20.21 -5.11
O1G ATP F . -4.33 -21.13 -5.73
O2G ATP F . -2.63 -20.82 -3.93
O3G ATP F . -3.95 -18.82 -4.77
PB ATP F . -2.07 -19.23 -7.55
O1B ATP F . -3.36 -19.24 -8.28
O2B ATP F . -1.41 -17.89 -7.35
O3B ATP F . -2.22 -19.90 -6.15
PA ATP F . -1.12 -21.67 -8.92
O1A ATP F . -0.73 -21.64 -10.34
O2A ATP F . -2.53 -22.21 -8.64
O3A ATP F . -1.06 -20.22 -8.28
O5' ATP F . -0.08 -22.48 -8.06
C5' ATP F . -0.30 -22.74 -6.65
C4' ATP F . 1.04 -23.08 -6.04
O4' ATP F . 1.63 -24.04 -6.92
C3' ATP F . 1.98 -21.90 -6.18
O3' ATP F . 1.96 -21.20 -4.92
C2' ATP F . 3.36 -22.58 -6.26
O2' ATP F . 3.80 -22.85 -4.93
C1' ATP F . 3.03 -23.98 -6.80
N9 ATP F . 3.57 -24.15 -8.14
C8 ATP F . 2.99 -23.78 -9.32
N7 ATP F . 3.71 -24.05 -10.38
C5 ATP F . 4.85 -24.64 -9.86
C6 ATP F . 6.01 -25.16 -10.46
N6 ATP F . 6.23 -25.17 -11.78
N1 ATP F . 6.96 -25.68 -9.65
C2 ATP F . 6.76 -25.67 -8.33
N3 ATP F . 5.70 -25.21 -7.65
C4 ATP F . 4.78 -24.70 -8.48
MG MG G . -4.61 -21.28 -8.11
#